data_5UFH
#
_entry.id   5UFH
#
_cell.length_a   72.326
_cell.length_b   60.171
_cell.length_c   67.188
_cell.angle_alpha   90.00
_cell.angle_beta   109.22
_cell.angle_gamma   90.00
#
_symmetry.space_group_name_H-M   'C 1 2 1'
#
loop_
_entity.id
_entity.type
_entity.pdbx_description
1 polymer 'LacI-type transcriptional regulator'
2 non-polymer GLYCEROL
3 non-polymer 'NITRATE ION'
4 water water
#
_entity_poly.entity_id   1
_entity_poly.type   'polypeptide(L)'
_entity_poly.pdbx_seq_one_letter_code
;SNA(MSE)AKGVTIKDVAAEAGVSFKTVSNVINGTGS(MSE)RESTRGRVLEA(MSE)DKLNYTINLSARSLKTGTTGLL
GLAIFDFSQPFASYLADQIIV(CSO)AREHHYGVIINTYGQNEHGLARA(MSE)RQANNLAADGWIVFADHA(MSE)GQH
SK(MSE)LDQSYPLVLTGDWDAYGKVDQVT(MSE)PNVEA(MSE)RYTTNRLLDSGYRSIALFGADGSLGARHYRQATEG
TQELRVQGY(MSE)QAYEEHGIEAR(MSE)D(MSE)LFSGGLLTSDSGVRATNL(MSE)(MSE)DQGVRPDAIICLNDA
(MSE)ALGALHQLQVRGIRVPDDVQVVGFDNVPEATYANPSLTTIDPHIDSYARHAVD(MSE)LIERIQGYDGAKRVYTS
DFTLVERSSTSL
;
_entity_poly.pdbx_strand_id   A
#
loop_
_chem_comp.id
_chem_comp.type
_chem_comp.name
_chem_comp.formula
GOL non-polymer GLYCEROL 'C3 H8 O3'
NO3 non-polymer 'NITRATE ION' 'N O3 -1'
#
# COMPACT_ATOMS: atom_id res chain seq x y z
N GLY A 66 11.54 -13.17 -24.33
CA GLY A 66 10.43 -13.30 -23.41
C GLY A 66 9.75 -11.97 -23.11
N LEU A 67 8.47 -12.03 -22.77
CA LEU A 67 7.69 -10.82 -22.57
C LEU A 67 6.75 -11.01 -21.40
N LEU A 68 6.88 -10.17 -20.36
CA LEU A 68 5.96 -10.20 -19.22
C LEU A 68 4.94 -9.07 -19.32
N GLY A 69 3.75 -9.34 -18.82
CA GLY A 69 2.70 -8.31 -18.72
C GLY A 69 2.52 -7.86 -17.27
N LEU A 70 2.27 -6.59 -17.07
CA LEU A 70 1.92 -6.02 -15.79
C LEU A 70 0.58 -5.33 -15.95
N ALA A 71 -0.41 -5.69 -15.12
CA ALA A 71 -1.73 -5.05 -15.09
C ALA A 71 -1.86 -4.23 -13.81
N ILE A 72 -2.08 -2.91 -13.95
CA ILE A 72 -2.26 -2.04 -12.79
C ILE A 72 -3.43 -1.10 -13.06
N PHE A 73 -3.89 -0.46 -12.00
CA PHE A 73 -5.13 0.31 -12.12
C PHE A 73 -4.92 1.55 -13.02
N ASP A 74 -3.99 2.42 -12.64
CA ASP A 74 -3.58 3.56 -13.47
C ASP A 74 -2.29 4.07 -12.85
N PHE A 75 -1.77 5.15 -13.39
CA PHE A 75 -0.52 5.73 -12.90
C PHE A 75 -0.74 6.95 -12.04
N SER A 76 -1.92 7.13 -11.46
CA SER A 76 -2.21 8.42 -10.87
C SER A 76 -1.40 8.69 -9.61
N GLN A 77 -0.89 7.68 -8.96
CA GLN A 77 -0.11 7.90 -7.75
C GLN A 77 1.28 7.31 -7.92
N PRO A 78 2.27 7.90 -7.25
CA PRO A 78 3.67 7.53 -7.50
C PRO A 78 4.01 6.06 -7.35
N PHE A 79 3.32 5.31 -6.48
CA PHE A 79 3.71 3.94 -6.28
C PHE A 79 3.61 3.11 -7.57
N ALA A 80 2.61 3.38 -8.42
CA ALA A 80 2.45 2.53 -9.61
C ALA A 80 3.67 2.67 -10.52
N SER A 81 4.16 3.89 -10.70
CA SER A 81 5.38 4.16 -11.46
C SER A 81 6.56 3.43 -10.87
N TYR A 82 6.71 3.53 -9.55
CA TYR A 82 7.88 2.97 -8.91
C TYR A 82 7.86 1.45 -9.01
N LEU A 83 6.70 0.83 -8.77
CA LEU A 83 6.62 -0.62 -8.89
C LEU A 83 6.86 -1.07 -10.32
N ALA A 84 6.24 -0.40 -11.29
CA ALA A 84 6.44 -0.77 -12.68
C ALA A 84 7.91 -0.69 -13.06
N ASP A 85 8.57 0.42 -12.69
CA ASP A 85 9.99 0.55 -13.05
C ASP A 85 10.81 -0.58 -12.43
N GLN A 86 10.52 -0.94 -11.18
CA GLN A 86 11.30 -2.01 -10.56
C GLN A 86 11.05 -3.36 -11.24
N ILE A 87 9.78 -3.65 -11.59
CA ILE A 87 9.48 -4.85 -12.35
C ILE A 87 10.24 -4.85 -13.68
N ILE A 88 10.28 -3.71 -14.37
CA ILE A 88 11.00 -3.62 -15.63
C ILE A 88 12.49 -3.93 -15.43
N VAL A 89 13.11 -3.34 -14.42
CA VAL A 89 14.53 -3.64 -14.13
C VAL A 89 14.72 -5.13 -13.86
N CSO A 90 13.89 -5.69 -12.99
CA CSO A 90 14.04 -7.10 -12.60
CB CSO A 90 12.98 -7.50 -11.55
SG CSO A 90 13.37 -6.90 -9.86
C CSO A 90 13.86 -7.98 -13.84
O CSO A 90 14.64 -8.92 -14.07
OD CSO A 90 14.97 -7.66 -9.36
N ALA A 91 12.83 -7.68 -14.62
CA ALA A 91 12.54 -8.47 -15.80
C ALA A 91 13.71 -8.40 -16.77
N ARG A 92 14.30 -7.20 -16.93
CA ARG A 92 15.43 -7.07 -17.84
C ARG A 92 16.61 -7.94 -17.41
N GLU A 93 16.81 -8.10 -16.10
CA GLU A 93 17.87 -8.99 -15.62
C GLU A 93 17.66 -10.42 -16.10
N HIS A 94 16.42 -10.82 -16.34
CA HIS A 94 16.09 -12.14 -16.89
C HIS A 94 15.98 -12.14 -18.41
N HIS A 95 16.29 -11.03 -19.06
CA HIS A 95 16.19 -10.91 -20.52
C HIS A 95 14.74 -10.97 -20.98
N TYR A 96 13.82 -10.47 -20.17
CA TYR A 96 12.41 -10.35 -20.50
C TYR A 96 12.04 -8.88 -20.63
N GLY A 97 11.20 -8.58 -21.61
CA GLY A 97 10.58 -7.28 -21.68
C GLY A 97 9.32 -7.23 -20.85
N VAL A 98 8.74 -6.04 -20.76
CA VAL A 98 7.50 -5.82 -20.01
C VAL A 98 6.57 -4.95 -20.83
N ILE A 99 5.30 -5.36 -20.91
CA ILE A 99 4.24 -4.49 -21.43
C ILE A 99 3.27 -4.24 -20.29
N ILE A 100 2.69 -3.06 -20.24
CA ILE A 100 1.79 -2.65 -19.16
C ILE A 100 0.39 -2.45 -19.70
N ASN A 101 -0.60 -3.09 -19.09
CA ASN A 101 -2.01 -2.84 -19.38
C ASN A 101 -2.59 -2.16 -18.14
N THR A 102 -3.41 -1.14 -18.33
CA THR A 102 -4.12 -0.55 -17.19
C THR A 102 -5.58 -0.95 -17.26
N TYR A 103 -6.21 -1.02 -16.10
CA TYR A 103 -7.59 -1.45 -16.06
C TYR A 103 -8.55 -0.50 -15.35
N GLY A 104 -8.05 0.56 -14.73
CA GLY A 104 -8.92 1.45 -14.00
C GLY A 104 -9.93 2.20 -14.84
N GLN A 105 -9.78 2.17 -16.17
CA GLN A 105 -10.62 2.96 -17.07
C GLN A 105 -11.85 2.20 -17.56
N ASN A 106 -12.12 1.04 -16.99
CA ASN A 106 -13.27 0.23 -17.38
C ASN A 106 -14.05 -0.19 -16.14
N GLU A 107 -15.37 -0.23 -16.27
CA GLU A 107 -16.20 -0.85 -15.24
C GLU A 107 -15.89 -2.34 -15.19
N HIS A 108 -15.81 -2.87 -13.97
CA HIS A 108 -15.28 -4.22 -13.74
C HIS A 108 -13.95 -4.39 -14.45
N GLY A 109 -13.09 -3.38 -14.27
CA GLY A 109 -11.94 -3.23 -15.15
C GLY A 109 -10.98 -4.40 -15.06
N LEU A 110 -10.74 -4.90 -13.85
CA LEU A 110 -9.71 -5.92 -13.71
C LEU A 110 -10.08 -7.18 -14.49
N ALA A 111 -11.36 -7.57 -14.44
CA ALA A 111 -11.82 -8.74 -15.18
C ALA A 111 -11.56 -8.58 -16.68
N ARG A 112 -11.81 -7.38 -17.21
CA ARG A 112 -11.60 -7.14 -18.63
C ARG A 112 -10.12 -7.26 -18.99
N ALA A 113 -9.23 -6.71 -18.16
CA ALA A 113 -7.80 -6.84 -18.41
C ALA A 113 -7.34 -8.30 -18.39
N MSE A 114 -7.86 -9.11 -17.45
CA MSE A 114 -7.52 -10.55 -17.41
C MSE A 114 -7.96 -11.24 -18.70
O MSE A 114 -7.31 -12.16 -19.17
CB MSE A 114 -8.20 -11.27 -16.24
CG MSE A 114 -8.27 -10.53 -14.94
SE MSE A 114 -6.77 -10.82 -13.74
CE MSE A 114 -5.88 -12.32 -14.58
N ARG A 115 -9.09 -10.80 -19.27
CA ARG A 115 -9.52 -11.37 -20.53
C ARG A 115 -8.66 -10.87 -21.69
N GLN A 116 -8.34 -9.57 -21.69
CA GLN A 116 -7.51 -9.01 -22.76
C GLN A 116 -6.15 -9.70 -22.83
N ALA A 117 -5.65 -10.16 -21.69
CA ALA A 117 -4.34 -10.81 -21.64
C ALA A 117 -4.28 -12.03 -22.55
N ASN A 118 -5.42 -12.68 -22.80
CA ASN A 118 -5.44 -13.84 -23.68
C ASN A 118 -4.98 -13.49 -25.09
N ASN A 119 -5.17 -12.25 -25.54
CA ASN A 119 -4.89 -11.85 -26.91
C ASN A 119 -3.71 -10.89 -27.01
N LEU A 120 -3.00 -10.67 -25.91
CA LEU A 120 -1.77 -9.90 -25.93
C LEU A 120 -0.60 -10.85 -26.11
N ALA A 121 0.59 -10.29 -26.27
CA ALA A 121 1.74 -11.11 -26.65
C ALA A 121 2.52 -11.63 -25.44
N ALA A 122 2.25 -11.12 -24.26
CA ALA A 122 3.04 -11.49 -23.08
C ALA A 122 2.90 -12.97 -22.74
N ASP A 123 3.99 -13.54 -22.21
CA ASP A 123 4.05 -14.95 -21.84
C ASP A 123 3.44 -15.24 -20.48
N GLY A 124 3.13 -14.21 -19.72
CA GLY A 124 2.57 -14.36 -18.39
C GLY A 124 2.38 -12.97 -17.80
N TRP A 125 1.63 -12.91 -16.71
CA TRP A 125 1.15 -11.66 -16.16
C TRP A 125 1.41 -11.53 -14.68
N ILE A 126 1.84 -10.35 -14.26
CA ILE A 126 1.73 -9.90 -12.89
C ILE A 126 0.55 -8.96 -12.82
N VAL A 127 -0.37 -9.19 -11.91
CA VAL A 127 -1.56 -8.38 -11.77
C VAL A 127 -1.51 -7.75 -10.39
N PHE A 128 -1.62 -6.42 -10.35
CA PHE A 128 -1.68 -5.73 -9.07
C PHE A 128 -3.15 -5.44 -8.81
N ALA A 129 -3.76 -6.22 -7.93
CA ALA A 129 -5.19 -6.07 -7.65
C ALA A 129 -5.38 -4.97 -6.62
N ASP A 130 -6.51 -4.26 -6.74
CA ASP A 130 -6.83 -3.25 -5.72
C ASP A 130 -8.18 -3.47 -5.05
N HIS A 131 -8.78 -4.66 -5.16
CA HIS A 131 -10.01 -4.97 -4.46
C HIS A 131 -10.16 -6.49 -4.33
N ALA A 132 -11.03 -6.89 -3.41
CA ALA A 132 -11.25 -8.30 -3.15
C ALA A 132 -11.90 -8.99 -4.34
N MSE A 133 -11.55 -10.26 -4.50
CA MSE A 133 -12.13 -11.12 -5.53
C MSE A 133 -12.71 -12.35 -4.86
O MSE A 133 -12.13 -12.88 -3.91
CB MSE A 133 -11.03 -11.52 -6.52
CG MSE A 133 -10.38 -10.34 -7.23
SE MSE A 133 -8.60 -10.70 -7.90
CE MSE A 133 -7.61 -10.78 -6.21
N GLY A 134 -13.86 -12.82 -5.34
CA GLY A 134 -14.49 -13.99 -4.75
C GLY A 134 -13.59 -15.21 -4.80
N GLN A 135 -13.72 -16.05 -3.79
CA GLN A 135 -12.99 -17.32 -3.73
C GLN A 135 -13.51 -18.28 -4.80
N LYS A 138 -12.40 -17.37 -9.61
CA LYS A 138 -12.75 -17.45 -11.04
C LYS A 138 -11.88 -16.51 -11.88
N MSE A 139 -11.72 -15.28 -11.38
CA MSE A 139 -10.90 -14.27 -12.04
C MSE A 139 -9.43 -14.67 -12.12
O MSE A 139 -8.74 -14.34 -13.08
CB MSE A 139 -11.04 -12.97 -11.27
CG MSE A 139 -10.01 -11.92 -11.60
SE MSE A 139 -10.67 -10.21 -10.98
CE MSE A 139 -12.56 -10.56 -11.18
N LEU A 140 -8.94 -15.37 -11.09
CA LEU A 140 -7.56 -15.81 -11.07
C LEU A 140 -7.36 -17.16 -11.72
N ASP A 141 -8.43 -17.76 -12.27
CA ASP A 141 -8.31 -18.98 -13.06
C ASP A 141 -8.14 -18.57 -14.52
N GLN A 142 -6.90 -18.66 -15.01
CA GLN A 142 -6.56 -18.27 -16.37
C GLN A 142 -5.66 -19.33 -16.99
N SER A 143 -5.53 -19.27 -18.31
CA SER A 143 -4.73 -20.22 -19.05
C SER A 143 -3.27 -19.81 -19.20
N TYR A 144 -2.91 -18.59 -18.81
CA TYR A 144 -1.54 -18.14 -18.87
C TYR A 144 -0.96 -18.07 -17.47
N PRO A 145 0.37 -18.16 -17.34
CA PRO A 145 1.01 -17.94 -16.03
C PRO A 145 0.63 -16.60 -15.44
N LEU A 146 0.42 -16.58 -14.13
CA LEU A 146 -0.15 -15.43 -13.44
C LEU A 146 0.37 -15.41 -12.01
N VAL A 147 0.85 -14.25 -11.57
CA VAL A 147 1.27 -13.95 -10.21
C VAL A 147 0.52 -12.73 -9.74
N LEU A 148 -0.05 -12.80 -8.55
CA LEU A 148 -0.82 -11.72 -7.99
C LEU A 148 0.05 -10.87 -7.08
N THR A 149 -0.08 -9.56 -7.21
CA THR A 149 0.48 -8.64 -6.25
C THR A 149 -0.64 -7.81 -5.66
N GLY A 150 -0.33 -7.19 -4.55
CA GLY A 150 -1.31 -6.42 -3.81
C GLY A 150 -1.72 -7.13 -2.54
N ASP A 151 -2.73 -6.57 -1.90
CA ASP A 151 -3.04 -6.97 -0.55
C ASP A 151 -4.31 -7.80 -0.46
N TRP A 152 -4.71 -8.44 -1.56
CA TRP A 152 -5.93 -9.23 -1.63
C TRP A 152 -5.59 -10.70 -1.79
N ASP A 153 -6.44 -11.53 -1.19
CA ASP A 153 -6.21 -12.97 -1.12
C ASP A 153 -6.44 -13.64 -2.48
N ALA A 154 -5.47 -14.45 -2.93
CA ALA A 154 -5.65 -15.34 -4.08
C ALA A 154 -6.25 -16.71 -3.75
N TYR A 155 -6.42 -17.05 -2.47
CA TYR A 155 -6.93 -18.34 -2.07
C TYR A 155 -6.15 -19.49 -2.69
N GLY A 156 -4.83 -19.30 -2.85
CA GLY A 156 -4.02 -20.36 -3.40
C GLY A 156 -4.24 -20.71 -4.86
N LYS A 157 -4.95 -19.88 -5.63
CA LYS A 157 -5.10 -20.19 -7.04
C LYS A 157 -3.83 -19.87 -7.82
N VAL A 158 -3.05 -18.89 -7.36
CA VAL A 158 -1.81 -18.49 -8.04
C VAL A 158 -0.82 -18.08 -6.96
N ASP A 159 0.46 -18.02 -7.34
CA ASP A 159 1.45 -17.44 -6.45
C ASP A 159 1.08 -15.99 -6.21
N GLN A 160 1.41 -15.50 -5.04
CA GLN A 160 1.16 -14.11 -4.71
C GLN A 160 2.28 -13.50 -3.88
N VAL A 161 2.48 -12.21 -4.08
CA VAL A 161 3.47 -11.42 -3.36
C VAL A 161 2.74 -10.31 -2.66
N THR A 162 3.05 -10.09 -1.39
CA THR A 162 2.35 -9.07 -0.62
C THR A 162 3.31 -8.38 0.33
N MSE A 163 2.80 -7.31 0.97
CA MSE A 163 3.61 -6.53 1.91
C MSE A 163 3.26 -6.88 3.34
O MSE A 163 2.19 -7.42 3.63
CB MSE A 163 3.28 -5.05 1.71
CG MSE A 163 3.69 -4.61 0.33
SE MSE A 163 3.28 -2.72 -0.02
CE MSE A 163 3.40 -2.78 -1.94
N PRO A 164 4.16 -6.54 4.26
CA PRO A 164 3.94 -6.86 5.69
C PRO A 164 3.06 -5.81 6.34
N ASN A 165 1.80 -5.79 5.88
CA ASN A 165 0.91 -4.67 6.19
C ASN A 165 0.61 -4.56 7.68
N VAL A 166 0.29 -5.69 8.32
CA VAL A 166 -0.03 -5.64 9.75
C VAL A 166 1.21 -5.30 10.56
N GLU A 167 2.29 -6.06 10.31
CA GLU A 167 3.48 -5.92 11.14
C GLU A 167 4.09 -4.54 11.01
N ALA A 168 4.20 -4.02 9.77
CA ALA A 168 4.87 -2.73 9.62
C ALA A 168 4.09 -1.63 10.35
N MSE A 169 2.76 -1.67 10.26
CA MSE A 169 1.93 -0.67 10.94
C MSE A 169 1.96 -0.86 12.45
O MSE A 169 1.97 0.13 13.18
CB MSE A 169 0.51 -0.76 10.46
CG MSE A 169 0.36 -0.22 9.07
SE MSE A 169 0.63 1.67 8.82
CE MSE A 169 -0.89 2.22 9.90
N ARG A 170 1.96 -2.11 12.93
CA ARG A 170 2.07 -2.32 14.37
C ARG A 170 3.42 -1.79 14.89
N TYR A 171 4.51 -2.15 14.23
CA TYR A 171 5.82 -1.65 14.62
C TYR A 171 5.85 -0.12 14.66
N THR A 172 5.33 0.52 13.60
CA THR A 172 5.47 1.96 13.48
C THR A 172 4.57 2.70 14.47
N THR A 173 3.35 2.20 14.66
CA THR A 173 2.47 2.79 15.67
C THR A 173 3.06 2.59 17.07
N ASN A 174 3.68 1.43 17.33
CA ASN A 174 4.36 1.23 18.62
C ASN A 174 5.51 2.21 18.80
N ARG A 175 6.27 2.51 17.72
CA ARG A 175 7.38 3.44 17.88
C ARG A 175 6.86 4.81 18.28
N LEU A 176 5.79 5.25 17.60
CA LEU A 176 5.17 6.53 17.94
C LEU A 176 4.71 6.55 19.40
N LEU A 177 3.99 5.48 19.82
CA LEU A 177 3.49 5.44 21.19
C LEU A 177 4.63 5.43 22.19
N ASP A 178 5.68 4.65 21.91
CA ASP A 178 6.79 4.56 22.84
C ASP A 178 7.60 5.85 22.90
N SER A 179 7.52 6.70 21.89
CA SER A 179 8.20 7.99 21.87
C SER A 179 7.34 9.09 22.45
N GLY A 180 6.16 8.77 22.96
CA GLY A 180 5.36 9.73 23.68
C GLY A 180 4.29 10.40 22.85
N TYR A 181 4.02 9.90 21.65
CA TYR A 181 3.02 10.50 20.76
C TYR A 181 1.76 9.64 20.90
N ARG A 182 0.90 10.01 21.86
CA ARG A 182 -0.19 9.12 22.29
C ARG A 182 -1.40 9.18 21.37
N SER A 183 -1.68 10.34 20.75
CA SER A 183 -2.84 10.53 19.88
C SER A 183 -2.39 10.46 18.41
N ILE A 184 -2.75 9.39 17.71
CA ILE A 184 -2.28 9.13 16.38
C ILE A 184 -3.50 9.02 15.45
N ALA A 185 -3.62 9.96 14.49
CA ALA A 185 -4.65 9.82 13.47
C ALA A 185 -4.17 8.90 12.37
N LEU A 186 -5.12 8.22 11.71
CA LEU A 186 -4.76 7.36 10.58
C LEU A 186 -5.50 7.91 9.37
N PHE A 187 -4.76 8.24 8.33
CA PHE A 187 -5.35 8.73 7.09
C PHE A 187 -5.40 7.59 6.08
N GLY A 188 -6.58 7.38 5.48
CA GLY A 188 -6.70 6.39 4.43
C GLY A 188 -7.64 5.24 4.74
N ALA A 189 -8.44 5.33 5.80
CA ALA A 189 -9.41 4.27 6.07
C ALA A 189 -10.68 4.89 6.64
N ASP A 190 -11.80 4.16 6.44
CA ASP A 190 -13.13 4.56 6.87
C ASP A 190 -13.42 3.95 8.25
N GLY A 191 -13.41 4.78 9.28
CA GLY A 191 -13.75 4.34 10.63
C GLY A 191 -15.17 3.85 10.75
N SER A 192 -16.05 4.27 9.85
CA SER A 192 -17.43 3.83 9.96
C SER A 192 -17.62 2.34 9.63
N LEU A 193 -16.59 1.67 9.12
CA LEU A 193 -16.67 0.23 8.91
C LEU A 193 -16.65 -0.56 10.21
N GLY A 194 -16.24 0.07 11.31
CA GLY A 194 -16.33 -0.60 12.60
C GLY A 194 -15.07 -1.32 13.01
N ALA A 195 -14.88 -1.43 14.32
CA ALA A 195 -13.64 -2.04 14.80
C ALA A 195 -13.57 -3.53 14.48
N ARG A 196 -14.69 -4.23 14.53
CA ARG A 196 -14.67 -5.67 14.30
C ARG A 196 -14.18 -6.01 12.89
N HIS A 197 -14.63 -5.23 11.91
CA HIS A 197 -14.20 -5.44 10.52
C HIS A 197 -12.68 -5.41 10.42
N TYR A 198 -12.06 -4.44 11.09
CA TYR A 198 -10.62 -4.31 11.01
C TYR A 198 -9.92 -5.39 11.84
N ARG A 199 -10.46 -5.72 13.01
CA ARG A 199 -9.81 -6.72 13.86
C ARG A 199 -9.79 -8.09 13.22
N GLN A 200 -10.86 -8.44 12.51
CA GLN A 200 -11.01 -9.77 11.94
C GLN A 200 -10.54 -9.88 10.51
N ALA A 201 -10.11 -8.79 9.88
CA ALA A 201 -9.80 -8.86 8.46
C ALA A 201 -8.66 -9.83 8.20
N THR A 202 -8.76 -10.57 7.10
CA THR A 202 -7.65 -11.37 6.62
C THR A 202 -7.12 -10.90 5.27
N GLU A 203 -7.62 -9.79 4.72
CA GLU A 203 -7.12 -9.25 3.46
C GLU A 203 -7.50 -7.78 3.38
N GLY A 204 -6.91 -7.07 2.40
CA GLY A 204 -7.18 -5.68 2.16
C GLY A 204 -6.06 -4.76 2.62
N THR A 205 -5.70 -3.79 1.76
CA THR A 205 -4.68 -2.79 2.05
C THR A 205 -5.07 -1.98 3.27
N GLN A 206 -6.21 -1.31 3.17
CA GLN A 206 -6.65 -0.48 4.27
C GLN A 206 -6.84 -1.34 5.50
N GLU A 207 -7.47 -2.50 5.35
CA GLU A 207 -7.92 -3.26 6.50
C GLU A 207 -6.74 -3.74 7.31
N LEU A 208 -5.74 -4.33 6.63
CA LEU A 208 -4.64 -4.93 7.37
C LEU A 208 -3.71 -3.89 7.98
N ARG A 209 -3.54 -2.75 7.31
CA ARG A 209 -2.74 -1.68 7.88
C ARG A 209 -3.43 -1.12 9.13
N VAL A 210 -4.75 -0.90 9.06
CA VAL A 210 -5.50 -0.50 10.26
C VAL A 210 -5.34 -1.53 11.36
N GLN A 211 -5.44 -2.81 10.99
CA GLN A 211 -5.35 -3.86 11.99
C GLN A 211 -4.05 -3.74 12.79
N GLY A 212 -2.93 -3.46 12.12
CA GLY A 212 -1.65 -3.36 12.83
C GLY A 212 -1.61 -2.17 13.77
N TYR A 213 -2.16 -1.04 13.31
CA TYR A 213 -2.27 0.14 14.15
C TYR A 213 -3.10 -0.16 15.40
N MSE A 214 -4.22 -0.84 15.22
CA MSE A 214 -5.05 -1.20 16.37
C MSE A 214 -4.33 -2.11 17.32
O MSE A 214 -4.51 -1.99 18.55
CB MSE A 214 -6.39 -1.82 15.93
CG MSE A 214 -7.26 -0.84 15.15
SE MSE A 214 -8.89 -1.77 14.50
CE MSE A 214 -9.72 -2.02 16.24
N GLN A 215 -3.52 -3.04 16.79
CA GLN A 215 -2.81 -3.96 17.69
C GLN A 215 -1.79 -3.22 18.54
N ALA A 216 -1.14 -2.20 17.98
CA ALA A 216 -0.19 -1.43 18.79
C ALA A 216 -0.89 -0.72 19.94
N TYR A 217 -2.06 -0.12 19.67
CA TYR A 217 -2.82 0.51 20.74
C TYR A 217 -3.18 -0.50 21.81
N GLU A 218 -3.68 -1.68 21.39
N GLU A 218 -3.67 -1.68 21.40
CA GLU A 218 -4.06 -2.72 22.34
CA GLU A 218 -4.03 -2.70 22.37
C GLU A 218 -2.86 -3.15 23.18
C GLU A 218 -2.84 -3.13 23.20
N GLU A 219 -1.67 -3.25 22.57
CA GLU A 219 -0.46 -3.61 23.32
C GLU A 219 -0.14 -2.58 24.39
N HIS A 220 -0.55 -1.33 24.16
CA HIS A 220 -0.37 -0.26 25.12
C HIS A 220 -1.57 -0.07 26.04
N GLY A 221 -2.52 -1.00 26.02
CA GLY A 221 -3.66 -0.90 26.92
C GLY A 221 -4.63 0.21 26.58
N ILE A 222 -4.73 0.60 25.30
CA ILE A 222 -5.59 1.69 24.87
C ILE A 222 -6.49 1.17 23.75
N GLU A 223 -7.75 1.59 23.75
CA GLU A 223 -8.64 1.21 22.65
C GLU A 223 -8.42 2.18 21.49
N ALA A 224 -8.11 1.64 20.32
CA ALA A 224 -8.06 2.51 19.15
C ALA A 224 -9.46 3.04 18.85
N ARG A 225 -9.53 4.30 18.43
N ARG A 225 -9.51 4.30 18.43
CA ARG A 225 -10.80 4.98 18.19
CA ARG A 225 -10.78 4.99 18.18
C ARG A 225 -11.07 5.08 16.70
C ARG A 225 -11.05 5.02 16.67
N MSE A 226 -12.24 4.59 16.28
CA MSE A 226 -12.67 4.69 14.89
C MSE A 226 -12.77 6.15 14.49
O MSE A 226 -12.54 6.48 13.30
CB MSE A 226 -14.02 3.98 14.67
CG MSE A 226 -13.93 2.46 14.69
SE MSE A 226 -12.68 1.64 13.48
CE MSE A 226 -11.18 1.46 14.70
N ASP A 227 -13.04 7.06 15.44
CA ASP A 227 -13.13 8.48 15.09
C ASP A 227 -11.78 9.13 14.80
N MSE A 228 -10.70 8.39 14.96
CA MSE A 228 -9.37 8.86 14.59
C MSE A 228 -8.88 8.35 13.24
O MSE A 228 -7.72 8.55 12.89
CB MSE A 228 -8.37 8.52 15.71
CG MSE A 228 -8.63 9.33 16.98
SE MSE A 228 -8.32 11.24 16.73
CE MSE A 228 -6.40 11.17 16.76
N LEU A 229 -9.75 7.65 12.49
CA LEU A 229 -9.53 7.28 11.11
C LEU A 229 -10.23 8.30 10.22
N PHE A 230 -9.49 8.76 9.21
CA PHE A 230 -10.03 9.76 8.28
C PHE A 230 -9.80 9.25 6.89
N SER A 231 -10.84 9.28 6.06
CA SER A 231 -10.68 8.86 4.68
C SER A 231 -11.06 9.99 3.74
N GLY A 232 -10.20 10.27 2.77
CA GLY A 232 -10.51 11.21 1.71
C GLY A 232 -11.19 10.57 0.52
N GLY A 233 -11.58 9.30 0.64
CA GLY A 233 -12.11 8.54 -0.47
C GLY A 233 -11.10 7.52 -1.00
N LEU A 234 -10.33 7.94 -1.99
CA LEU A 234 -9.27 7.11 -2.55
C LEU A 234 -7.99 7.34 -1.76
N LEU A 235 -6.87 6.84 -2.28
CA LEU A 235 -5.57 6.89 -1.61
C LEU A 235 -4.62 7.74 -2.46
N THR A 236 -4.91 9.02 -2.58
CA THR A 236 -4.17 9.90 -3.47
C THR A 236 -3.68 11.11 -2.70
N SER A 237 -2.84 11.94 -3.33
CA SER A 237 -2.48 13.19 -2.65
C SER A 237 -3.72 14.06 -2.39
N ASP A 238 -4.66 14.11 -3.34
N ASP A 238 -4.64 14.14 -3.36
CA ASP A 238 -5.86 14.90 -3.11
CA ASP A 238 -5.90 14.85 -3.16
C ASP A 238 -6.69 14.35 -1.95
C ASP A 238 -6.61 14.34 -1.91
N SER A 239 -6.72 13.02 -1.78
CA SER A 239 -7.38 12.47 -0.61
C SER A 239 -6.63 12.83 0.67
N GLY A 240 -5.30 12.93 0.63
CA GLY A 240 -4.56 13.35 1.81
C GLY A 240 -4.91 14.77 2.22
N VAL A 241 -5.10 15.66 1.24
CA VAL A 241 -5.58 17.01 1.52
C VAL A 241 -6.98 16.97 2.14
N ARG A 242 -7.89 16.18 1.54
CA ARG A 242 -9.25 16.06 2.07
C ARG A 242 -9.26 15.49 3.49
N ALA A 243 -8.45 14.47 3.75
CA ALA A 243 -8.41 13.88 5.09
C ALA A 243 -7.88 14.88 6.10
N THR A 244 -6.89 15.70 5.70
CA THR A 244 -6.39 16.73 6.59
C THR A 244 -7.49 17.71 6.94
N ASN A 245 -8.27 18.13 5.94
CA ASN A 245 -9.37 19.07 6.22
C ASN A 245 -10.44 18.45 7.10
N LEU A 246 -10.83 17.21 6.81
CA LEU A 246 -11.79 16.51 7.63
C LEU A 246 -11.33 16.46 9.09
N MSE A 247 -10.08 16.09 9.31
CA MSE A 247 -9.57 15.98 10.68
C MSE A 247 -9.49 17.35 11.35
O MSE A 247 -9.96 17.55 12.49
CB MSE A 247 -8.16 15.36 10.66
CG MSE A 247 -7.51 15.31 12.03
SE MSE A 247 -5.64 14.93 11.93
CE MSE A 247 -5.05 16.78 11.55
N MSE A 248 -8.91 18.34 10.66
CA MSE A 248 -8.76 19.63 11.30
C MSE A 248 -10.13 20.29 11.56
O MSE A 248 -10.34 20.95 12.58
CB MSE A 248 -7.89 20.58 10.44
CG MSE A 248 -6.46 20.08 10.34
SE MSE A 248 -5.30 21.37 9.50
CE MSE A 248 -5.41 22.76 10.84
N ASP A 249 -11.08 20.09 10.64
CA ASP A 249 -12.40 20.70 10.79
C ASP A 249 -13.16 20.10 11.96
N GLN A 250 -12.82 18.88 12.34
CA GLN A 250 -13.39 18.23 13.53
C GLN A 250 -12.68 18.67 14.80
N GLY A 251 -11.75 19.61 14.70
CA GLY A 251 -11.04 20.10 15.86
C GLY A 251 -9.93 19.20 16.35
N VAL A 252 -9.59 18.17 15.59
CA VAL A 252 -8.58 17.21 16.03
C VAL A 252 -7.20 17.76 15.72
N ARG A 253 -6.33 17.76 16.74
CA ARG A 253 -4.96 18.23 16.58
C ARG A 253 -4.10 17.15 17.24
N PRO A 254 -3.70 16.14 16.48
CA PRO A 254 -3.09 14.96 17.08
C PRO A 254 -1.59 15.15 17.30
N ASP A 255 -0.99 14.20 18.01
CA ASP A 255 0.46 14.14 18.11
C ASP A 255 1.09 13.66 16.82
N ALA A 256 0.41 12.79 16.07
CA ALA A 256 1.01 12.17 14.88
C ALA A 256 -0.10 11.75 13.93
N ILE A 257 0.25 11.65 12.65
CA ILE A 257 -0.63 11.11 11.62
C ILE A 257 0.14 10.04 10.88
N ILE A 258 -0.44 8.83 10.75
CA ILE A 258 0.15 7.82 9.86
C ILE A 258 -0.77 7.73 8.65
N CYS A 259 -0.20 7.95 7.46
CA CYS A 259 -0.97 7.86 6.23
C CYS A 259 -0.73 6.50 5.58
N LEU A 260 -1.77 5.93 4.97
CA LEU A 260 -1.62 4.56 4.45
C LEU A 260 -0.84 4.49 3.15
N ASN A 261 -0.52 5.62 2.50
CA ASN A 261 0.52 5.60 1.49
C ASN A 261 1.21 6.95 1.43
N ASP A 262 2.30 7.00 0.66
CA ASP A 262 3.07 8.24 0.58
C ASP A 262 2.32 9.32 -0.17
N ALA A 263 1.48 8.95 -1.14
CA ALA A 263 0.76 9.99 -1.86
C ALA A 263 -0.13 10.78 -0.92
N MSE A 264 -0.87 10.07 -0.07
CA MSE A 264 -1.68 10.76 0.95
C MSE A 264 -0.81 11.57 1.91
O MSE A 264 -1.19 12.68 2.28
CB MSE A 264 -2.51 9.74 1.76
CG MSE A 264 -3.60 9.10 0.96
SE MSE A 264 -4.84 8.18 2.11
CE MSE A 264 -5.84 9.65 2.83
N ALA A 265 0.36 11.05 2.32
CA ALA A 265 1.21 11.80 3.23
C ALA A 265 1.73 13.09 2.58
N LEU A 266 2.05 13.03 1.28
CA LEU A 266 2.54 14.22 0.61
C LEU A 266 1.44 15.28 0.54
N GLY A 267 0.19 14.84 0.29
CA GLY A 267 -0.92 15.78 0.35
C GLY A 267 -1.12 16.36 1.74
N ALA A 268 -1.05 15.50 2.76
CA ALA A 268 -1.18 15.95 4.14
C ALA A 268 -0.08 16.94 4.52
N LEU A 269 1.19 16.66 4.14
CA LEU A 269 2.25 17.63 4.45
C LEU A 269 1.92 19.00 3.88
N HIS A 270 1.36 19.03 2.67
CA HIS A 270 1.00 20.29 2.07
C HIS A 270 -0.15 20.95 2.81
N GLN A 271 -1.24 20.21 3.08
CA GLN A 271 -2.41 20.88 3.62
C GLN A 271 -2.20 21.27 5.08
N LEU A 272 -1.44 20.48 5.83
CA LEU A 272 -1.07 20.86 7.19
C LEU A 272 -0.33 22.18 7.19
N GLN A 273 0.67 22.32 6.30
CA GLN A 273 1.46 23.55 6.27
C GLN A 273 0.62 24.74 5.83
N VAL A 274 -0.27 24.52 4.85
CA VAL A 274 -1.15 25.58 4.37
C VAL A 274 -2.04 26.11 5.48
N ARG A 275 -2.49 25.22 6.37
CA ARG A 275 -3.38 25.59 7.47
C ARG A 275 -2.62 25.87 8.78
N GLY A 276 -1.30 26.08 8.70
CA GLY A 276 -0.56 26.60 9.85
C GLY A 276 -0.05 25.58 10.82
N ILE A 277 -0.01 24.30 10.45
CA ILE A 277 0.46 23.24 11.34
C ILE A 277 1.88 22.89 10.94
N ARG A 278 2.80 22.92 11.90
CA ARG A 278 4.20 22.64 11.65
C ARG A 278 4.43 21.15 11.77
N VAL A 279 5.15 20.61 10.79
CA VAL A 279 5.61 19.22 10.78
C VAL A 279 7.12 19.24 10.82
N PRO A 280 7.77 18.60 11.82
CA PRO A 280 7.14 17.75 12.85
C PRO A 280 6.80 18.47 14.17
N ASP A 281 7.04 19.79 14.31
CA ASP A 281 6.96 20.41 15.64
C ASP A 281 5.56 20.29 16.25
N ASP A 282 4.51 20.48 15.43
CA ASP A 282 3.17 20.28 15.95
C ASP A 282 2.69 18.85 15.79
N VAL A 283 2.94 18.23 14.63
CA VAL A 283 2.42 16.89 14.32
C VAL A 283 3.49 16.10 13.59
N GLN A 284 3.75 14.88 14.06
CA GLN A 284 4.61 13.91 13.37
C GLN A 284 3.83 13.34 12.19
N VAL A 285 4.49 13.14 11.03
CA VAL A 285 3.80 12.57 9.86
C VAL A 285 4.59 11.40 9.29
N VAL A 286 3.90 10.26 9.06
CA VAL A 286 4.50 9.06 8.50
C VAL A 286 3.70 8.58 7.30
N GLY A 287 4.39 8.12 6.25
CA GLY A 287 3.77 7.53 5.10
C GLY A 287 4.05 6.04 4.99
N PHE A 288 3.74 5.50 3.81
CA PHE A 288 3.97 4.07 3.53
C PHE A 288 4.27 3.93 2.04
N ASP A 289 5.47 3.42 1.74
CA ASP A 289 5.92 2.90 0.43
C ASP A 289 7.38 3.26 0.17
N ASN A 290 7.82 4.41 0.70
CA ASN A 290 9.15 4.98 0.38
C ASN A 290 9.34 5.16 -1.11
N VAL A 291 8.31 5.72 -1.77
CA VAL A 291 8.52 6.13 -3.17
C VAL A 291 9.60 7.21 -3.26
N PRO A 292 10.24 7.35 -4.42
CA PRO A 292 11.27 8.41 -4.57
C PRO A 292 10.84 9.78 -4.08
N GLU A 293 9.59 10.18 -4.32
N GLU A 293 9.58 10.19 -4.29
CA GLU A 293 9.10 11.49 -3.91
CA GLU A 293 9.14 11.54 -3.90
C GLU A 293 9.35 11.77 -2.43
C GLU A 293 9.20 11.78 -2.39
N ALA A 294 9.29 10.73 -1.58
CA ALA A 294 9.38 10.96 -0.16
C ALA A 294 10.71 11.59 0.23
N THR A 295 11.78 11.34 -0.55
CA THR A 295 13.10 11.90 -0.25
C THR A 295 13.13 13.40 -0.44
N TYR A 296 12.34 13.91 -1.38
CA TYR A 296 12.44 15.31 -1.78
C TYR A 296 11.35 16.17 -1.19
N ALA A 297 10.46 15.59 -0.37
CA ALA A 297 9.40 16.39 0.24
C ALA A 297 10.01 17.41 1.21
N ASN A 298 9.20 18.41 1.58
CA ASN A 298 9.65 19.45 2.49
C ASN A 298 8.57 19.56 3.55
N PRO A 299 8.79 19.00 4.74
CA PRO A 299 9.99 18.27 5.19
C PRO A 299 10.03 16.90 4.56
N SER A 300 11.24 16.35 4.47
CA SER A 300 11.38 15.01 3.91
C SER A 300 10.59 14.00 4.76
N LEU A 301 10.03 12.99 4.07
CA LEU A 301 8.94 12.19 4.63
C LEU A 301 9.46 10.89 5.26
N THR A 302 9.24 10.75 6.57
CA THR A 302 9.38 9.45 7.24
C THR A 302 8.35 8.47 6.70
N THR A 303 8.76 7.23 6.40
CA THR A 303 7.84 6.35 5.71
C THR A 303 8.25 4.90 5.93
N ILE A 304 7.24 4.03 5.91
CA ILE A 304 7.47 2.59 5.94
C ILE A 304 7.91 2.17 4.55
N ASP A 305 9.09 1.54 4.46
CA ASP A 305 9.60 1.01 3.22
C ASP A 305 9.31 -0.50 3.22
N PRO A 306 8.41 -0.97 2.34
CA PRO A 306 8.04 -2.40 2.32
C PRO A 306 8.94 -3.18 1.36
N HIS A 307 10.13 -2.65 1.05
CA HIS A 307 11.13 -3.39 0.29
C HIS A 307 10.62 -3.75 -1.11
N ILE A 308 10.30 -2.69 -1.87
CA ILE A 308 9.74 -2.89 -3.20
C ILE A 308 10.72 -3.59 -4.14
N ASP A 309 12.03 -3.41 -3.94
CA ASP A 309 13.00 -4.15 -4.74
C ASP A 309 12.82 -5.66 -4.58
N SER A 310 12.71 -6.14 -3.34
CA SER A 310 12.51 -7.56 -3.12
C SER A 310 11.13 -8.00 -3.57
N TYR A 311 10.12 -7.14 -3.35
CA TYR A 311 8.77 -7.44 -3.76
C TYR A 311 8.72 -7.66 -5.27
N ALA A 312 9.30 -6.74 -6.03
CA ALA A 312 9.34 -6.90 -7.47
C ALA A 312 10.16 -8.12 -7.87
N ARG A 313 11.29 -8.37 -7.20
CA ARG A 313 12.14 -9.50 -7.58
C ARG A 313 11.38 -10.81 -7.40
N HIS A 314 10.60 -10.92 -6.30
CA HIS A 314 9.87 -12.15 -6.07
C HIS A 314 8.74 -12.31 -7.09
N ALA A 315 8.02 -11.22 -7.41
CA ALA A 315 6.95 -11.32 -8.38
C ALA A 315 7.49 -11.77 -9.72
N VAL A 316 8.60 -11.16 -10.17
CA VAL A 316 9.18 -11.52 -11.47
C VAL A 316 9.77 -12.93 -11.44
N ASP A 317 10.49 -13.29 -10.37
CA ASP A 317 11.09 -14.63 -10.33
C ASP A 317 10.00 -15.68 -10.32
N MSE A 318 8.97 -15.49 -9.51
CA MSE A 318 7.88 -16.46 -9.47
C MSE A 318 7.17 -16.60 -10.81
O MSE A 318 6.88 -17.71 -11.27
CB MSE A 318 6.88 -16.04 -8.44
CG MSE A 318 7.43 -16.25 -7.08
SE MSE A 318 6.21 -15.50 -5.72
CE MSE A 318 6.68 -16.75 -4.36
N LEU A 319 6.89 -15.45 -11.48
CA LEU A 319 6.20 -15.53 -12.77
C LEU A 319 7.06 -16.25 -13.81
N ILE A 320 8.35 -15.92 -13.87
CA ILE A 320 9.20 -16.58 -14.85
C ILE A 320 9.35 -18.08 -14.54
N GLU A 321 9.46 -18.41 -13.25
CA GLU A 321 9.44 -19.81 -12.88
C GLU A 321 8.20 -20.53 -13.44
N ARG A 322 7.02 -19.92 -13.26
CA ARG A 322 5.80 -20.55 -13.77
C ARG A 322 5.81 -20.64 -15.29
N ILE A 323 6.25 -19.58 -15.97
CA ILE A 323 6.33 -19.63 -17.44
C ILE A 323 7.21 -20.77 -17.90
N GLN A 324 8.29 -21.04 -17.17
CA GLN A 324 9.25 -22.05 -17.55
C GLN A 324 8.91 -23.45 -17.02
N GLY A 325 7.74 -23.63 -16.42
CA GLY A 325 7.26 -24.95 -16.06
C GLY A 325 7.30 -25.32 -14.59
N TYR A 326 7.72 -24.41 -13.70
CA TYR A 326 7.69 -24.67 -12.27
C TYR A 326 6.29 -25.10 -11.84
N ASP A 327 6.18 -26.24 -11.16
CA ASP A 327 4.88 -26.85 -10.89
C ASP A 327 4.65 -27.17 -9.41
N GLY A 328 5.34 -26.48 -8.50
CA GLY A 328 5.09 -26.65 -7.09
C GLY A 328 3.80 -26.00 -6.67
N ALA A 329 3.42 -26.22 -5.42
CA ALA A 329 2.21 -25.61 -4.91
C ALA A 329 2.33 -24.09 -5.00
N LYS A 330 1.19 -23.44 -5.02
CA LYS A 330 1.19 -21.98 -5.06
C LYS A 330 1.71 -21.40 -3.74
N ARG A 331 2.42 -20.29 -3.84
CA ARG A 331 3.18 -19.74 -2.73
C ARG A 331 2.68 -18.36 -2.35
N VAL A 332 2.94 -17.94 -1.13
CA VAL A 332 2.75 -16.57 -0.68
C VAL A 332 4.07 -16.05 -0.14
N TYR A 333 4.55 -14.97 -0.72
CA TYR A 333 5.71 -14.28 -0.21
C TYR A 333 5.25 -12.96 0.39
N THR A 334 5.81 -12.61 1.55
CA THR A 334 5.60 -11.33 2.20
C THR A 334 6.94 -10.62 2.34
N SER A 335 7.04 -9.41 1.79
CA SER A 335 8.29 -8.70 1.90
C SER A 335 8.57 -8.26 3.33
N ASP A 336 9.84 -7.88 3.59
CA ASP A 336 10.22 -7.27 4.85
C ASP A 336 9.94 -5.76 4.79
N PHE A 337 10.24 -5.08 5.90
CA PHE A 337 10.01 -3.63 5.94
C PHE A 337 11.09 -2.98 6.78
N THR A 338 11.29 -1.68 6.51
CA THR A 338 12.16 -0.82 7.31
C THR A 338 11.43 0.50 7.48
N LEU A 339 11.42 1.05 8.70
CA LEU A 339 10.91 2.41 8.93
C LEU A 339 12.04 3.38 8.64
N VAL A 340 11.91 4.14 7.54
CA VAL A 340 12.94 5.09 7.14
C VAL A 340 12.58 6.45 7.73
N GLU A 341 13.37 6.92 8.69
CA GLU A 341 13.10 8.16 9.40
C GLU A 341 13.75 9.32 8.67
N ARG A 342 12.94 10.36 8.43
CA ARG A 342 13.43 11.57 7.80
C ARG A 342 12.96 12.78 8.62
N SER A 343 12.77 13.94 7.99
CA SER A 343 12.54 15.15 8.77
C SER A 343 11.11 15.29 9.28
N SER A 344 10.15 14.51 8.79
CA SER A 344 8.77 14.70 9.20
C SER A 344 8.44 14.01 10.52
N THR A 345 9.40 13.34 11.16
CA THR A 345 9.22 12.82 12.50
C THR A 345 10.44 13.21 13.29
N SER A 346 10.33 13.08 14.62
CA SER A 346 11.46 13.28 15.53
C SER A 346 11.38 12.21 16.62
N LEU A 347 11.51 10.95 16.21
CA LEU A 347 11.34 9.81 17.13
C LEU A 347 12.53 9.66 18.07
C1 GOL B . 0.92 0.23 -1.96
O1 GOL B . 1.25 0.39 -0.56
C2 GOL B . -0.03 1.37 -2.35
O2 GOL B . 0.60 2.64 -2.34
C3 GOL B . -1.26 1.48 -1.45
O3 GOL B . -2.11 2.52 -1.91
N NO3 C . 1.78 -8.77 7.56
O1 NO3 C . 2.21 -9.80 6.99
O2 NO3 C . 2.55 -8.18 8.37
O3 NO3 C . 0.58 -8.41 7.31
N NO3 D . -7.51 26.55 10.51
O1 NO3 D . -7.07 26.38 9.33
O2 NO3 D . -7.27 27.63 11.12
O3 NO3 D . -8.20 25.67 11.07
N NO3 E . -11.21 23.63 13.38
O1 NO3 E . -10.48 24.10 12.45
O2 NO3 E . -10.68 23.39 14.51
O3 NO3 E . -12.45 23.38 13.22
N NO3 F . 2.08 6.54 -3.44
O1 NO3 F . 3.10 7.25 -3.45
O2 NO3 F . 1.59 6.22 -2.32
O3 NO3 F . 1.48 6.15 -4.48
N NO3 G . 6.11 -5.07 16.04
O1 NO3 G . 7.33 -4.79 16.18
O2 NO3 G . 5.31 -4.62 16.90
O3 NO3 G . 5.73 -5.76 15.06
N NO3 H . 2.18 -9.94 11.68
O1 NO3 H . 3.34 -9.93 12.22
O2 NO3 H . 1.22 -9.38 12.25
O3 NO3 H . 1.98 -10.52 10.57
N NO3 I . 13.20 -8.41 1.62
O1 NO3 I . 14.14 -7.55 1.76
O2 NO3 I . 13.51 -9.64 1.50
O3 NO3 I . 11.98 -8.04 1.59
N NO3 J . 14.20 -3.25 -1.00
O1 NO3 J . 13.90 -4.45 -1.23
O2 NO3 J . 15.05 -2.99 -0.09
O3 NO3 J . 13.67 -2.30 -1.67
N NO3 K . -11.27 -2.18 -11.17
O1 NO3 K . -11.33 -3.45 -11.16
O2 NO3 K . -10.91 -1.55 -10.14
O3 NO3 K . -11.57 -1.56 -12.24
N NO3 L . -13.37 -6.71 -11.32
O1 NO3 L . -13.61 -6.76 -12.56
O2 NO3 L . -12.58 -5.83 -10.89
O3 NO3 L . -13.91 -7.52 -10.52
N NO3 M . 0.37 -20.22 -12.79
O1 NO3 M . -0.47 -19.27 -12.74
O2 NO3 M . 0.78 -20.76 -11.72
O3 NO3 M . 0.81 -20.61 -13.90
N NO3 N . 5.57 21.94 5.23
O1 NO3 N . 5.98 22.62 4.24
O2 NO3 N . 5.95 22.24 6.40
O3 NO3 N . 4.78 20.98 5.04
N NO3 O . -1.59 21.74 16.69
O1 NO3 O . -1.67 20.62 16.12
O2 NO3 O . -0.53 22.07 17.29
O3 NO3 O . -2.57 22.54 16.65
N NO3 P . -16.87 19.05 10.92
O1 NO3 P . -17.01 17.82 11.19
O2 NO3 P . -17.11 19.92 11.82
O3 NO3 P . -16.50 19.40 9.78
N NO3 Q . -11.77 19.13 1.34
O1 NO3 Q . -10.55 19.37 1.12
O2 NO3 Q . -12.27 19.36 2.47
O3 NO3 Q . -12.50 18.64 0.41
N NO3 R . -14.63 12.31 0.87
O1 NO3 R . -14.93 13.41 1.40
O2 NO3 R . -14.46 11.28 1.60
O3 NO3 R . -14.49 12.23 -0.38
N NO3 S . -6.26 8.05 20.01
O1 NO3 S . -5.44 7.89 19.06
O2 NO3 S . -6.45 9.22 20.45
O3 NO3 S . -6.89 7.07 20.48
N NO3 T . 1.16 5.16 25.82
O1 NO3 T . 0.66 4.16 26.41
O2 NO3 T . 2.39 5.20 25.56
O3 NO3 T . 0.41 6.13 25.50
N NO3 U . 11.40 5.96 22.41
O1 NO3 U . 11.83 6.41 21.31
O2 NO3 U . 11.25 6.73 23.40
O3 NO3 U . 11.12 4.72 22.53
N NO3 V . 12.65 -1.18 11.17
O1 NO3 V . 13.20 -1.81 12.12
O2 NO3 V . 12.98 0.02 10.93
O3 NO3 V . 11.78 -1.73 10.46
N NO3 W . 16.13 -7.59 -3.66
O1 NO3 W . 15.72 -8.80 -3.71
O2 NO3 W . 15.98 -6.88 -2.64
O3 NO3 W . 16.69 -7.09 -4.67
N NO3 X . -13.83 10.78 7.75
O1 NO3 X . -13.48 9.89 6.92
O2 NO3 X . -13.00 11.28 8.56
O3 NO3 X . -15.02 11.18 7.80
#